data_3GXL
#
_entry.id   3GXL
#
_cell.length_a   41.839
_cell.length_b   74.618
_cell.length_c   89.652
_cell.angle_alpha   90.000
_cell.angle_beta   90.000
_cell.angle_gamma   90.000
#
_symmetry.space_group_name_H-M   'P 21 21 21'
#
loop_
_entity.id
_entity.type
_entity.pdbx_description
1 polymer 'TGF-beta receptor type-1'
2 non-polymer N-1H-indazol-5-yl-2-(6-methylpyridin-2-yl)quinazolin-4-amine
3 water water
#
_entity_poly.entity_id   1
_entity_poly.type   'polypeptide(L)'
_entity_poly.pdbx_seq_one_letter_code
;IARTIVLQESIGKGRFGEVWRGKWRGEEVAVKIFSSREERSWFREAEIYQTVMLRHENILGFIAADNKDNGTWTQLWLVS
DYHEHGSLFDYLNRYTVTVEGMIKLALSTASGLAHLHMEIVGTQGKPAIAHRDLKSKNILVKKNGTCCIADLGLAVRHDS
ATDTIDIAPNHRVGTKRYMAPEVLDDSINMKHFESFKRADIYAMGLVFWEIARRCSIGGIHEDYQLPYYDLVPSDPSVEE
MRKVVCEQKLRPNIPNRWQSCEALRVMAKIMRECWYANGAARLTALRIKKTLSQLSQQEGIKM
;
_entity_poly.pdbx_strand_id   A
#
loop_
_chem_comp.id
_chem_comp.type
_chem_comp.name
_chem_comp.formula
QIG non-polymer N-1H-indazol-5-yl-2-(6-methylpyridin-2-yl)quinazolin-4-amine 'C21 H16 N6'
#
# COMPACT_ATOMS: atom_id res chain seq x y z
N ILE A 1 24.62 0.54 -13.25
CA ILE A 1 23.54 -0.01 -12.39
C ILE A 1 23.06 -1.35 -12.92
N ALA A 2 22.10 -1.30 -13.84
CA ALA A 2 21.55 -2.53 -14.42
C ALA A 2 22.67 -3.36 -15.05
N ARG A 3 23.65 -2.68 -15.64
CA ARG A 3 24.77 -3.34 -16.30
C ARG A 3 25.48 -4.34 -15.39
N THR A 4 25.57 -4.02 -14.11
CA THR A 4 26.27 -4.87 -13.14
C THR A 4 25.38 -5.67 -12.20
N ILE A 5 24.11 -5.82 -12.53
CA ILE A 5 23.21 -6.59 -11.69
C ILE A 5 22.96 -7.95 -12.31
N VAL A 6 23.08 -9.00 -11.51
CA VAL A 6 22.85 -10.37 -11.98
C VAL A 6 21.57 -10.88 -11.36
N LEU A 7 20.59 -11.21 -12.21
CA LEU A 7 19.31 -11.72 -11.70
C LEU A 7 19.48 -13.16 -11.22
N GLN A 8 18.86 -13.48 -10.09
CA GLN A 8 18.99 -14.81 -9.49
C GLN A 8 17.73 -15.63 -9.32
N GLU A 9 16.62 -14.97 -9.04
CA GLU A 9 15.39 -15.69 -8.77
C GLU A 9 14.16 -14.84 -9.05
N SER A 10 13.16 -15.44 -9.68
CA SER A 10 11.91 -14.75 -9.97
C SER A 10 11.13 -14.73 -8.65
N ILE A 11 10.78 -13.54 -8.17
CA ILE A 11 10.07 -13.47 -6.90
C ILE A 11 8.68 -12.84 -6.93
N GLY A 12 8.15 -12.60 -8.13
CA GLY A 12 6.82 -12.02 -8.24
C GLY A 12 6.61 -11.14 -9.45
N LYS A 13 5.52 -10.38 -9.44
CA LYS A 13 5.20 -9.47 -10.54
C LYS A 13 4.24 -8.39 -10.09
N GLY A 14 4.40 -7.20 -10.65
CA GLY A 14 3.51 -6.09 -10.30
C GLY A 14 2.34 -6.08 -11.26
N ARG A 15 1.62 -4.97 -11.33
CA ARG A 15 0.49 -4.85 -12.25
C ARG A 15 1.10 -5.04 -13.64
N PHE A 16 2.29 -4.49 -13.80
CA PHE A 16 3.08 -4.58 -15.01
C PHE A 16 4.50 -4.78 -14.52
N GLY A 17 5.25 -5.68 -15.15
CA GLY A 17 6.62 -5.90 -14.72
C GLY A 17 6.78 -7.15 -13.87
N GLU A 18 7.91 -7.82 -14.07
CA GLU A 18 8.23 -9.04 -13.35
C GLU A 18 9.28 -8.69 -12.29
N VAL A 19 9.08 -9.19 -11.08
CA VAL A 19 9.98 -8.91 -9.97
C VAL A 19 11.02 -10.00 -9.78
N TRP A 20 12.28 -9.58 -9.69
CA TRP A 20 13.41 -10.48 -9.51
C TRP A 20 14.30 -10.10 -8.33
N ARG A 21 14.95 -11.11 -7.76
CA ARG A 21 15.90 -10.89 -6.68
C ARG A 21 17.21 -10.92 -7.47
N GLY A 22 18.00 -9.86 -7.38
CA GLY A 22 19.26 -9.83 -8.09
C GLY A 22 20.39 -9.49 -7.15
N LYS A 23 21.61 -9.48 -7.68
CA LYS A 23 22.79 -9.15 -6.90
C LYS A 23 23.49 -7.99 -7.60
N TRP A 24 23.75 -6.93 -6.84
CA TRP A 24 24.42 -5.74 -7.35
C TRP A 24 25.72 -5.47 -6.59
N GLU A 28 22.27 -8.01 -2.38
CA GLU A 28 20.94 -8.34 -2.89
C GLU A 28 20.09 -7.11 -3.09
N VAL A 29 19.34 -7.09 -4.19
CA VAL A 29 18.45 -6.00 -4.53
C VAL A 29 17.24 -6.60 -5.21
N ALA A 30 16.16 -5.83 -5.28
CA ALA A 30 14.95 -6.28 -5.94
C ALA A 30 14.91 -5.52 -7.26
N VAL A 31 14.51 -6.21 -8.32
CA VAL A 31 14.45 -5.58 -9.63
C VAL A 31 13.11 -5.88 -10.29
N LYS A 32 12.48 -4.84 -10.83
CA LYS A 32 11.22 -5.02 -11.54
C LYS A 32 11.50 -4.68 -13.00
N ILE A 33 11.27 -5.64 -13.89
CA ILE A 33 11.56 -5.46 -15.31
C ILE A 33 10.31 -5.34 -16.18
N PHE A 34 10.28 -4.27 -16.98
CA PHE A 34 9.18 -3.97 -17.89
C PHE A 34 9.66 -4.10 -19.32
N SER A 35 8.73 -4.36 -20.24
CA SER A 35 9.05 -4.46 -21.68
C SER A 35 8.90 -3.06 -22.27
N SER A 36 9.38 -2.85 -23.48
CA SER A 36 9.29 -1.54 -24.11
C SER A 36 7.85 -1.01 -24.24
N ARG A 37 6.89 -1.90 -24.41
CA ARG A 37 5.50 -1.47 -24.56
C ARG A 37 4.91 -1.01 -23.23
N GLU A 38 5.63 -1.26 -22.13
CA GLU A 38 5.15 -0.85 -20.83
C GLU A 38 5.92 0.38 -20.32
N GLU A 39 6.54 1.11 -21.26
CA GLU A 39 7.31 2.30 -20.91
C GLU A 39 6.57 3.34 -20.07
N ARG A 40 5.32 3.61 -20.41
CA ARG A 40 4.56 4.59 -19.65
C ARG A 40 4.41 4.20 -18.18
N SER A 41 4.18 2.91 -17.91
CA SER A 41 4.04 2.45 -16.52
C SER A 41 5.38 2.54 -15.80
N TRP A 42 6.43 2.15 -16.49
CA TRP A 42 7.78 2.18 -15.95
C TRP A 42 8.18 3.61 -15.62
N PHE A 43 7.99 4.49 -16.59
CA PHE A 43 8.36 5.89 -16.41
C PHE A 43 7.60 6.53 -15.27
N ARG A 44 6.29 6.36 -15.25
CA ARG A 44 5.46 6.97 -14.20
C ARG A 44 5.86 6.54 -12.81
N GLU A 45 6.13 5.26 -12.61
CA GLU A 45 6.53 4.81 -11.28
C GLU A 45 7.93 5.36 -10.96
N ALA A 46 8.80 5.40 -11.96
CA ALA A 46 10.14 5.95 -11.76
C ALA A 46 10.01 7.41 -11.32
N GLU A 47 9.07 8.10 -11.96
CA GLU A 47 8.81 9.52 -11.69
C GLU A 47 8.36 9.74 -10.26
N ILE A 48 7.45 8.90 -9.79
CA ILE A 48 6.94 9.02 -8.43
C ILE A 48 8.06 8.76 -7.43
N TYR A 49 8.81 7.68 -7.61
CA TYR A 49 9.90 7.37 -6.71
C TYR A 49 11.01 8.43 -6.69
N GLN A 50 11.12 9.21 -7.75
CA GLN A 50 12.15 10.25 -7.77
C GLN A 50 11.68 11.60 -7.25
N THR A 51 10.49 11.61 -6.67
CA THR A 51 9.92 12.82 -6.11
C THR A 51 10.83 13.36 -5.01
N VAL A 52 11.03 14.66 -4.97
CA VAL A 52 11.89 15.27 -3.96
C VAL A 52 11.43 14.90 -2.55
N MET A 53 12.39 14.54 -1.69
CA MET A 53 12.13 14.17 -0.31
C MET A 53 11.15 13.04 -0.06
N LEU A 54 11.07 12.10 -1.00
CA LEU A 54 10.17 10.97 -0.84
C LEU A 54 10.69 9.91 0.11
N ARG A 55 12.01 9.71 0.14
CA ARG A 55 12.57 8.68 1.01
C ARG A 55 12.10 8.76 2.45
N HIS A 56 11.76 7.60 2.99
CA HIS A 56 11.24 7.46 4.36
C HIS A 56 11.44 5.99 4.74
N GLU A 57 11.63 5.70 6.03
CA GLU A 57 11.85 4.33 6.45
C GLU A 57 10.71 3.38 6.10
N ASN A 58 9.51 3.92 5.94
CA ASN A 58 8.35 3.09 5.64
C ASN A 58 7.88 3.17 4.19
N ILE A 59 8.80 3.57 3.30
CA ILE A 59 8.53 3.63 1.87
C ILE A 59 9.65 2.79 1.25
N LEU A 60 9.32 1.86 0.36
CA LEU A 60 10.37 1.04 -0.25
C LEU A 60 11.50 1.92 -0.74
N GLY A 61 12.73 1.56 -0.37
CA GLY A 61 13.89 2.35 -0.77
C GLY A 61 14.23 2.17 -2.24
N PHE A 62 14.11 3.25 -3.00
CA PHE A 62 14.38 3.23 -4.45
C PHE A 62 15.86 3.44 -4.72
N ILE A 63 16.42 2.63 -5.62
CA ILE A 63 17.82 2.74 -5.97
C ILE A 63 17.99 3.44 -7.31
N ALA A 64 17.28 2.95 -8.33
CA ALA A 64 17.40 3.56 -9.65
C ALA A 64 16.49 3.00 -10.73
N ALA A 65 16.36 3.79 -11.79
CA ALA A 65 15.61 3.41 -12.98
C ALA A 65 16.73 3.28 -14.02
N ASP A 66 16.67 2.27 -14.89
CA ASP A 66 17.71 2.10 -15.89
C ASP A 66 17.16 1.35 -17.10
N ASN A 67 18.01 1.24 -18.12
CA ASN A 67 17.68 0.53 -19.36
C ASN A 67 18.77 -0.53 -19.50
N LYS A 68 18.41 -1.69 -20.05
CA LYS A 68 19.38 -2.75 -20.27
C LYS A 68 19.11 -3.43 -21.61
N ASP A 69 20.04 -3.27 -22.55
CA ASP A 69 19.92 -3.86 -23.88
C ASP A 69 20.64 -5.20 -23.86
N ASN A 70 19.92 -6.30 -24.01
CA ASN A 70 20.58 -7.61 -23.99
C ASN A 70 21.09 -8.02 -25.37
N GLY A 71 20.95 -7.14 -26.34
CA GLY A 71 21.41 -7.41 -27.69
C GLY A 71 20.27 -7.75 -28.64
N THR A 72 19.10 -8.04 -28.07
CA THR A 72 17.94 -8.36 -28.90
C THR A 72 16.82 -7.39 -28.59
N TRP A 73 16.62 -7.09 -27.30
CA TRP A 73 15.59 -6.16 -26.90
C TRP A 73 16.04 -5.37 -25.68
N THR A 74 15.39 -4.24 -25.45
CA THR A 74 15.75 -3.39 -24.32
C THR A 74 14.76 -3.61 -23.18
N GLN A 75 15.29 -3.75 -21.98
CA GLN A 75 14.47 -3.96 -20.79
C GLN A 75 14.45 -2.65 -20.01
N LEU A 76 13.31 -2.33 -19.40
CA LEU A 76 13.20 -1.12 -18.60
C LEU A 76 13.22 -1.59 -17.15
N TRP A 77 14.24 -1.17 -16.42
CA TRP A 77 14.46 -1.59 -15.04
C TRP A 77 14.17 -0.58 -13.93
N LEU A 78 13.71 -1.09 -12.79
CA LEU A 78 13.49 -0.29 -11.59
C LEU A 78 14.16 -1.17 -10.54
N VAL A 79 15.06 -0.57 -9.76
CA VAL A 79 15.81 -1.32 -8.74
C VAL A 79 15.53 -0.77 -7.36
N SER A 80 15.36 -1.65 -6.38
CA SER A 80 15.08 -1.22 -5.01
C SER A 80 15.75 -2.12 -3.98
N ASP A 81 15.58 -1.75 -2.71
CA ASP A 81 16.10 -2.53 -1.61
C ASP A 81 15.44 -3.91 -1.67
N TYR A 82 16.10 -4.89 -1.05
CA TYR A 82 15.58 -6.24 -1.00
C TYR A 82 15.26 -6.55 0.46
N HIS A 83 14.05 -7.08 0.71
CA HIS A 83 13.60 -7.45 2.04
C HIS A 83 13.18 -8.93 1.95
N GLU A 84 13.93 -9.80 2.63
CA GLU A 84 13.69 -11.23 2.58
C GLU A 84 12.25 -11.68 2.85
N HIS A 85 11.57 -11.04 3.80
CA HIS A 85 10.19 -11.42 4.12
C HIS A 85 9.21 -11.19 2.97
N GLY A 86 9.54 -10.27 2.07
CA GLY A 86 8.63 -10.01 0.97
C GLY A 86 7.38 -9.25 1.39
N SER A 87 6.26 -9.53 0.73
CA SER A 87 5.01 -8.83 1.03
C SER A 87 4.40 -9.11 2.39
N LEU A 88 3.59 -8.16 2.85
CA LEU A 88 2.89 -8.30 4.12
C LEU A 88 1.93 -9.48 3.93
N PHE A 89 1.37 -9.59 2.73
CA PHE A 89 0.45 -10.68 2.42
C PHE A 89 1.13 -12.02 2.72
N ASP A 90 2.32 -12.24 2.16
CA ASP A 90 3.07 -13.48 2.39
C ASP A 90 3.41 -13.66 3.87
N TYR A 91 3.85 -12.57 4.49
CA TYR A 91 4.22 -12.58 5.90
C TYR A 91 3.07 -13.03 6.81
N LEU A 92 1.89 -12.44 6.60
CA LEU A 92 0.72 -12.78 7.42
C LEU A 92 0.19 -14.19 7.17
N ASN A 93 0.45 -14.71 5.98
CA ASN A 93 0.02 -16.07 5.66
C ASN A 93 0.93 -17.06 6.36
N ARG A 94 2.21 -16.71 6.42
CA ARG A 94 3.20 -17.59 7.03
C ARG A 94 3.33 -17.51 8.55
N TYR A 95 3.05 -16.36 9.14
CA TYR A 95 3.19 -16.22 10.58
C TYR A 95 2.00 -15.57 11.29
N THR A 96 2.01 -15.69 12.62
CA THR A 96 1.01 -15.05 13.46
C THR A 96 1.89 -14.03 14.16
N VAL A 97 1.29 -13.01 14.76
CA VAL A 97 2.10 -11.98 15.41
C VAL A 97 1.70 -11.70 16.85
N THR A 98 2.63 -11.14 17.59
CA THR A 98 2.39 -10.76 18.97
C THR A 98 1.68 -9.41 18.94
N VAL A 99 1.17 -8.98 20.09
CA VAL A 99 0.49 -7.70 20.17
C VAL A 99 1.46 -6.61 19.72
N GLU A 100 2.68 -6.67 20.23
CA GLU A 100 3.71 -5.70 19.89
C GLU A 100 4.03 -5.74 18.40
N GLY A 101 4.06 -6.94 17.83
CA GLY A 101 4.36 -7.10 16.42
C GLY A 101 3.27 -6.53 15.55
N MET A 102 2.03 -6.67 16.02
CA MET A 102 0.88 -6.16 15.28
C MET A 102 0.96 -4.63 15.27
N ILE A 103 1.21 -4.05 16.43
CA ILE A 103 1.32 -2.61 16.56
C ILE A 103 2.42 -2.09 15.65
N LYS A 104 3.55 -2.79 15.62
CA LYS A 104 4.67 -2.38 14.80
C LYS A 104 4.32 -2.38 13.31
N LEU A 105 3.60 -3.40 12.87
CA LEU A 105 3.21 -3.48 11.46
C LEU A 105 2.21 -2.41 11.08
N ALA A 106 1.22 -2.19 11.95
CA ALA A 106 0.19 -1.20 11.70
C ALA A 106 0.74 0.22 11.78
N LEU A 107 1.52 0.50 12.82
CA LEU A 107 2.10 1.83 12.99
C LEU A 107 3.01 2.18 11.82
N SER A 108 3.89 1.26 11.43
CA SER A 108 4.81 1.54 10.34
C SER A 108 4.07 1.79 9.03
N THR A 109 2.99 1.05 8.78
CA THR A 109 2.22 1.27 7.55
C THR A 109 1.57 2.65 7.60
N ALA A 110 1.00 2.99 8.76
CA ALA A 110 0.35 4.28 8.93
C ALA A 110 1.37 5.41 8.81
N SER A 111 2.57 5.18 9.32
CA SER A 111 3.62 6.19 9.27
C SER A 111 4.02 6.42 7.81
N GLY A 112 4.04 5.35 7.03
CA GLY A 112 4.42 5.48 5.64
C GLY A 112 3.35 6.19 4.82
N LEU A 113 2.09 5.89 5.10
CA LEU A 113 1.02 6.52 4.36
C LEU A 113 0.91 8.00 4.75
N ALA A 114 1.14 8.29 6.03
CA ALA A 114 1.07 9.67 6.50
C ALA A 114 2.15 10.49 5.80
N HIS A 115 3.32 9.89 5.64
CA HIS A 115 4.43 10.55 4.97
C HIS A 115 4.03 10.82 3.52
N LEU A 116 3.47 9.82 2.87
CA LEU A 116 3.03 10.00 1.49
C LEU A 116 2.03 11.13 1.36
N HIS A 117 0.99 11.09 2.20
CA HIS A 117 -0.07 12.07 2.19
C HIS A 117 0.35 13.49 2.60
N MET A 118 1.40 13.57 3.41
CA MET A 118 1.88 14.85 3.91
C MET A 118 2.70 15.69 2.95
N GLU A 119 2.27 16.92 2.73
CA GLU A 119 3.02 17.83 1.88
C GLU A 119 4.10 18.44 2.77
N ILE A 120 5.33 18.47 2.28
CA ILE A 120 6.43 19.05 3.05
C ILE A 120 6.83 20.35 2.36
N VAL A 121 6.50 21.47 2.98
CA VAL A 121 6.79 22.78 2.42
C VAL A 121 8.27 23.17 2.58
N GLY A 122 8.83 23.77 1.55
CA GLY A 122 10.21 24.19 1.59
C GLY A 122 10.82 24.22 0.20
N THR A 123 12.06 24.67 0.10
CA THR A 123 12.75 24.74 -1.19
C THR A 123 12.92 23.35 -1.78
N GLN A 124 13.17 22.38 -0.91
CA GLN A 124 13.33 20.99 -1.31
C GLN A 124 12.08 20.28 -0.77
N GLY A 125 10.93 20.86 -1.05
CA GLY A 125 9.68 20.30 -0.56
C GLY A 125 9.15 19.08 -1.28
N LYS A 126 8.25 18.38 -0.61
CA LYS A 126 7.63 17.18 -1.14
C LYS A 126 6.13 17.41 -1.28
N PRO A 127 5.57 17.13 -2.45
CA PRO A 127 4.13 17.33 -2.64
C PRO A 127 3.38 16.20 -1.96
N ALA A 128 2.10 16.43 -1.67
CA ALA A 128 1.28 15.39 -1.06
C ALA A 128 1.09 14.34 -2.14
N ILE A 129 1.04 13.08 -1.76
CA ILE A 129 0.89 11.97 -2.70
C ILE A 129 -0.15 10.96 -2.21
N ALA A 130 -1.03 10.53 -3.12
CA ALA A 130 -2.05 9.53 -2.81
C ALA A 130 -1.64 8.26 -3.57
N HIS A 131 -1.69 7.12 -2.88
CA HIS A 131 -1.28 5.84 -3.47
C HIS A 131 -2.21 5.26 -4.54
N ARG A 132 -3.49 5.14 -4.19
CA ARG A 132 -4.53 4.62 -5.09
C ARG A 132 -4.62 3.11 -5.32
N ASP A 133 -3.75 2.32 -4.67
CA ASP A 133 -3.79 0.87 -4.82
C ASP A 133 -3.14 0.16 -3.64
N LEU A 134 -3.37 0.69 -2.44
CA LEU A 134 -2.78 0.08 -1.26
C LEU A 134 -3.44 -1.26 -0.90
N LYS A 135 -2.61 -2.25 -0.62
CA LYS A 135 -3.10 -3.59 -0.25
C LYS A 135 -1.97 -4.32 0.44
N SER A 136 -2.28 -5.44 1.08
CA SER A 136 -1.24 -6.20 1.79
C SER A 136 -0.21 -6.78 0.82
N LYS A 137 -0.59 -6.91 -0.45
CA LYS A 137 0.34 -7.46 -1.44
C LYS A 137 1.43 -6.51 -1.95
N ASN A 138 1.33 -5.22 -1.66
CA ASN A 138 2.38 -4.30 -2.09
C ASN A 138 3.00 -3.51 -0.94
N ILE A 139 2.81 -4.04 0.26
CA ILE A 139 3.43 -3.49 1.46
C ILE A 139 4.44 -4.58 1.79
N LEU A 140 5.69 -4.20 2.09
CA LEU A 140 6.73 -5.18 2.37
C LEU A 140 7.14 -5.15 3.84
N VAL A 141 7.55 -6.30 4.35
CA VAL A 141 7.98 -6.40 5.74
C VAL A 141 9.49 -6.49 5.83
N LYS A 142 10.10 -5.55 6.56
CA LYS A 142 11.55 -5.51 6.73
C LYS A 142 11.98 -6.49 7.82
N LYS A 143 13.28 -6.75 7.89
CA LYS A 143 13.81 -7.67 8.88
C LYS A 143 13.52 -7.27 10.33
N ASN A 144 13.34 -5.97 10.57
CA ASN A 144 13.08 -5.50 11.93
C ASN A 144 11.60 -5.47 12.31
N GLY A 145 10.76 -6.13 11.52
CA GLY A 145 9.34 -6.18 11.83
C GLY A 145 8.48 -4.98 11.47
N THR A 146 9.04 -4.02 10.73
CA THR A 146 8.29 -2.86 10.31
C THR A 146 7.99 -2.97 8.81
N CYS A 147 7.00 -2.23 8.34
CA CYS A 147 6.61 -2.27 6.93
C CYS A 147 7.09 -1.09 6.13
N CYS A 148 7.11 -1.26 4.82
CA CYS A 148 7.44 -0.17 3.93
C CYS A 148 6.56 -0.39 2.72
N ILE A 149 5.93 0.69 2.28
CA ILE A 149 5.00 0.69 1.16
C ILE A 149 5.65 0.69 -0.21
N ALA A 150 5.13 -0.17 -1.09
CA ALA A 150 5.65 -0.31 -2.44
C ALA A 150 4.63 0.07 -3.54
N ASP A 151 5.01 -0.24 -4.79
CA ASP A 151 4.24 0.09 -6.00
C ASP A 151 3.45 1.39 -5.96
N LEU A 152 4.15 2.46 -6.33
CA LEU A 152 3.62 3.81 -6.36
C LEU A 152 3.30 4.23 -7.80
N GLY A 153 3.23 3.25 -8.69
CA GLY A 153 2.96 3.53 -10.09
C GLY A 153 1.63 4.17 -10.44
N LEU A 154 0.63 4.01 -9.58
CA LEU A 154 -0.69 4.59 -9.82
C LEU A 154 -0.91 5.83 -8.98
N ALA A 155 0.14 6.25 -8.27
CA ALA A 155 0.04 7.41 -7.39
C ALA A 155 -0.27 8.72 -8.10
N VAL A 156 -0.84 9.66 -7.36
CA VAL A 156 -1.14 10.98 -7.89
C VAL A 156 -0.49 12.00 -6.98
N ARG A 157 0.09 13.04 -7.58
CA ARG A 157 0.75 14.07 -6.79
C ARG A 157 -0.06 15.35 -6.82
N HIS A 158 -0.09 16.02 -5.67
CA HIS A 158 -0.86 17.23 -5.46
C HIS A 158 -0.09 18.54 -5.51
N ASP A 159 -0.62 19.51 -6.25
CA ASP A 159 0.00 20.83 -6.31
C ASP A 159 -0.93 21.71 -5.47
N SER A 160 -0.54 21.92 -4.22
CA SER A 160 -1.34 22.71 -3.27
C SER A 160 -1.65 24.13 -3.69
N ALA A 161 -0.78 24.74 -4.48
CA ALA A 161 -0.98 26.10 -4.93
C ALA A 161 -2.21 26.27 -5.82
N THR A 162 -2.61 25.18 -6.47
CA THR A 162 -3.77 25.23 -7.37
C THR A 162 -4.80 24.16 -7.06
N ASP A 163 -4.47 23.27 -6.13
CA ASP A 163 -5.36 22.17 -5.78
C ASP A 163 -5.68 21.37 -7.03
N THR A 164 -4.62 21.00 -7.75
CA THR A 164 -4.73 20.21 -8.97
C THR A 164 -3.76 19.03 -8.88
N ILE A 165 -4.03 17.98 -9.64
CA ILE A 165 -3.16 16.80 -9.63
C ILE A 165 -2.41 16.63 -10.95
N ASP A 166 -1.35 15.83 -10.90
CA ASP A 166 -0.51 15.58 -12.06
C ASP A 166 -0.89 14.26 -12.73
N ARG A 172 -10.47 4.43 -12.89
CA ARG A 172 -11.15 3.32 -12.23
C ARG A 172 -10.13 2.22 -11.91
N VAL A 173 -8.86 2.52 -12.14
CA VAL A 173 -7.78 1.57 -11.88
C VAL A 173 -7.65 1.19 -10.41
N GLY A 174 -6.87 0.15 -10.14
CA GLY A 174 -6.68 -0.30 -8.78
C GLY A 174 -7.18 -1.72 -8.57
N THR A 175 -6.90 -2.28 -7.39
CA THR A 175 -7.32 -3.63 -7.07
C THR A 175 -8.76 -3.57 -6.56
N LYS A 176 -9.65 -4.23 -7.29
CA LYS A 176 -11.08 -4.23 -6.97
C LYS A 176 -11.44 -4.43 -5.50
N ARG A 177 -10.97 -5.54 -4.93
CA ARG A 177 -11.26 -5.87 -3.55
C ARG A 177 -11.02 -4.75 -2.53
N TYR A 178 -9.99 -3.94 -2.78
CA TYR A 178 -9.64 -2.86 -1.88
C TYR A 178 -10.20 -1.49 -2.27
N MET A 179 -10.94 -1.42 -3.38
CA MET A 179 -11.50 -0.15 -3.83
C MET A 179 -12.46 0.48 -2.83
N ALA A 180 -12.31 1.78 -2.61
CA ALA A 180 -13.20 2.48 -1.69
C ALA A 180 -14.62 2.50 -2.25
N PRO A 181 -15.62 2.64 -1.36
CA PRO A 181 -17.02 2.67 -1.79
C PRO A 181 -17.27 3.70 -2.89
N GLU A 182 -16.71 4.90 -2.73
CA GLU A 182 -16.88 5.97 -3.70
C GLU A 182 -16.25 5.63 -5.05
N VAL A 183 -15.23 4.77 -5.01
CA VAL A 183 -14.58 4.36 -6.26
C VAL A 183 -15.44 3.29 -6.93
N LEU A 184 -15.98 2.38 -6.12
CA LEU A 184 -16.83 1.31 -6.63
C LEU A 184 -18.10 1.82 -7.31
N ASP A 185 -18.71 2.87 -6.77
CA ASP A 185 -19.93 3.40 -7.38
C ASP A 185 -19.65 4.64 -8.22
N ASP A 186 -18.38 4.90 -8.45
CA ASP A 186 -17.91 6.03 -9.25
C ASP A 186 -18.43 7.41 -8.83
N SER A 187 -18.72 7.58 -7.55
CA SER A 187 -19.21 8.87 -7.07
C SER A 187 -18.05 9.78 -6.66
N ILE A 188 -16.85 9.19 -6.57
CA ILE A 188 -15.66 9.96 -6.18
C ILE A 188 -15.29 11.04 -7.20
N ASN A 189 -14.90 12.20 -6.69
CA ASN A 189 -14.50 13.32 -7.55
C ASN A 189 -13.05 13.16 -7.99
N MET A 190 -12.86 12.77 -9.24
CA MET A 190 -11.51 12.56 -9.79
C MET A 190 -10.64 13.81 -9.77
N LYS A 191 -11.26 14.98 -9.59
CA LYS A 191 -10.54 16.25 -9.56
C LYS A 191 -10.22 16.73 -8.15
N HIS A 192 -10.61 15.94 -7.15
CA HIS A 192 -10.39 16.31 -5.76
C HIS A 192 -9.33 15.42 -5.10
N PHE A 193 -8.10 15.92 -4.99
CA PHE A 193 -7.00 15.16 -4.41
C PHE A 193 -7.33 14.56 -3.04
N GLU A 194 -7.95 15.36 -2.18
CA GLU A 194 -8.30 14.90 -0.84
C GLU A 194 -9.14 13.62 -0.89
N SER A 195 -9.91 13.45 -1.96
CA SER A 195 -10.75 12.26 -2.12
C SER A 195 -9.90 11.01 -2.28
N PHE A 196 -8.79 11.13 -2.99
CA PHE A 196 -7.89 10.00 -3.21
C PHE A 196 -7.21 9.65 -1.88
N LYS A 197 -6.86 10.66 -1.10
CA LYS A 197 -6.23 10.43 0.20
C LYS A 197 -7.18 9.60 1.05
N ARG A 198 -8.43 10.07 1.12
CA ARG A 198 -9.46 9.39 1.91
C ARG A 198 -9.68 7.96 1.43
N ALA A 199 -9.59 7.72 0.13
CA ALA A 199 -9.76 6.39 -0.40
C ALA A 199 -8.64 5.47 0.06
N ASP A 200 -7.43 6.02 0.23
CA ASP A 200 -6.28 5.23 0.68
C ASP A 200 -6.56 4.75 2.12
N ILE A 201 -7.14 5.65 2.90
CA ILE A 201 -7.45 5.34 4.30
C ILE A 201 -8.35 4.12 4.41
N TYR A 202 -9.39 4.06 3.58
CA TYR A 202 -10.31 2.91 3.56
C TYR A 202 -9.52 1.62 3.33
N ALA A 203 -8.64 1.65 2.34
CA ALA A 203 -7.81 0.50 2.02
C ALA A 203 -6.90 0.10 3.18
N MET A 204 -6.26 1.08 3.81
CA MET A 204 -5.38 0.77 4.93
C MET A 204 -6.18 0.12 6.06
N GLY A 205 -7.44 0.50 6.18
CA GLY A 205 -8.30 -0.10 7.20
C GLY A 205 -8.41 -1.59 6.96
N LEU A 206 -8.66 -1.98 5.70
CA LEU A 206 -8.78 -3.40 5.36
C LEU A 206 -7.48 -4.12 5.69
N VAL A 207 -6.35 -3.46 5.42
CA VAL A 207 -5.04 -4.05 5.69
C VAL A 207 -4.89 -4.29 7.20
N PHE A 208 -5.30 -3.31 8.00
CA PHE A 208 -5.24 -3.45 9.46
C PHE A 208 -6.07 -4.66 9.90
N TRP A 209 -7.17 -4.92 9.21
CA TRP A 209 -8.05 -6.06 9.52
C TRP A 209 -7.27 -7.35 9.29
N GLU A 210 -6.55 -7.42 8.16
CA GLU A 210 -5.75 -8.60 7.83
C GLU A 210 -4.68 -8.86 8.91
N ILE A 211 -4.07 -7.81 9.41
CA ILE A 211 -3.03 -7.95 10.43
C ILE A 211 -3.59 -8.41 11.76
N ALA A 212 -4.66 -7.74 12.21
CA ALA A 212 -5.29 -8.04 13.50
C ALA A 212 -5.71 -9.50 13.64
N ARG A 213 -6.15 -10.11 12.54
CA ARG A 213 -6.58 -11.51 12.56
C ARG A 213 -5.42 -12.41 12.96
N ARG A 214 -4.22 -12.02 12.58
CA ARG A 214 -3.03 -12.81 12.85
C ARG A 214 -2.40 -12.57 14.22
N CYS A 215 -2.96 -11.63 14.98
CA CYS A 215 -2.42 -11.34 16.30
C CYS A 215 -2.83 -12.48 17.23
N SER A 216 -1.84 -13.22 17.73
CA SER A 216 -2.12 -14.34 18.62
C SER A 216 -1.87 -13.97 20.07
N ILE A 220 -4.35 -18.11 20.57
CA ILE A 220 -5.64 -17.87 19.93
C ILE A 220 -5.52 -16.77 18.87
N HIS A 221 -6.03 -17.04 17.68
CA HIS A 221 -5.98 -16.09 16.57
C HIS A 221 -6.82 -16.64 15.43
N GLU A 222 -7.10 -15.79 14.43
CA GLU A 222 -7.89 -16.22 13.28
C GLU A 222 -6.95 -16.61 12.14
N ASP A 223 -7.41 -17.48 11.24
CA ASP A 223 -6.56 -17.86 10.12
C ASP A 223 -6.48 -16.69 9.15
N TYR A 224 -5.47 -16.67 8.29
CA TYR A 224 -5.34 -15.58 7.35
C TYR A 224 -6.47 -15.56 6.32
N GLN A 225 -6.92 -14.36 5.97
CA GLN A 225 -7.95 -14.17 4.96
C GLN A 225 -7.87 -12.76 4.36
N LEU A 226 -8.23 -12.66 3.07
CA LEU A 226 -8.27 -11.37 2.40
C LEU A 226 -9.57 -10.73 2.87
N PRO A 227 -9.67 -9.39 2.81
CA PRO A 227 -10.93 -8.79 3.25
C PRO A 227 -12.08 -9.15 2.30
N TYR A 228 -13.24 -9.47 2.88
CA TYR A 228 -14.43 -9.85 2.11
C TYR A 228 -14.29 -11.26 1.53
N TYR A 229 -13.41 -12.06 2.12
CA TYR A 229 -13.17 -13.42 1.65
C TYR A 229 -14.43 -14.29 1.59
N ASP A 230 -15.37 -14.02 2.49
CA ASP A 230 -16.61 -14.79 2.52
C ASP A 230 -17.81 -14.08 1.91
N LEU A 231 -17.56 -13.09 1.05
CA LEU A 231 -18.67 -12.34 0.44
C LEU A 231 -18.52 -12.18 -1.07
N VAL A 232 -17.31 -12.30 -1.57
CA VAL A 232 -17.07 -12.14 -3.00
C VAL A 232 -16.14 -13.24 -3.52
N PRO A 233 -16.21 -13.53 -4.83
CA PRO A 233 -15.32 -14.57 -5.36
C PRO A 233 -13.90 -14.03 -5.47
N SER A 234 -12.95 -14.90 -5.80
CA SER A 234 -11.58 -14.48 -5.96
C SER A 234 -11.53 -13.60 -7.21
N ASP A 235 -10.63 -12.64 -7.23
CA ASP A 235 -10.51 -11.74 -8.38
C ASP A 235 -11.91 -11.17 -8.68
N PRO A 236 -12.52 -10.51 -7.69
CA PRO A 236 -13.87 -9.94 -7.86
C PRO A 236 -13.90 -8.76 -8.83
N SER A 237 -15.06 -8.59 -9.47
CA SER A 237 -15.26 -7.50 -10.40
C SER A 237 -15.78 -6.30 -9.62
N VAL A 238 -15.84 -5.15 -10.28
CA VAL A 238 -16.33 -3.93 -9.63
C VAL A 238 -17.77 -4.12 -9.16
N GLU A 239 -18.61 -4.70 -10.02
CA GLU A 239 -20.01 -4.92 -9.69
C GLU A 239 -20.20 -5.84 -8.48
N GLU A 240 -19.43 -6.91 -8.43
CA GLU A 240 -19.53 -7.85 -7.32
C GLU A 240 -19.15 -7.15 -6.02
N MET A 241 -18.11 -6.31 -6.07
CA MET A 241 -17.68 -5.57 -4.89
C MET A 241 -18.73 -4.52 -4.51
N ARG A 242 -19.19 -3.77 -5.51
CA ARG A 242 -20.18 -2.72 -5.29
C ARG A 242 -21.44 -3.21 -4.59
N LYS A 243 -21.94 -4.37 -5.00
CA LYS A 243 -23.14 -4.92 -4.39
C LYS A 243 -22.96 -5.19 -2.90
N VAL A 244 -21.77 -5.65 -2.52
CA VAL A 244 -21.49 -5.97 -1.13
C VAL A 244 -21.18 -4.73 -0.30
N VAL A 245 -20.24 -3.92 -0.79
CA VAL A 245 -19.81 -2.73 -0.08
C VAL A 245 -20.74 -1.52 -0.14
N CYS A 246 -21.35 -1.29 -1.30
CA CYS A 246 -22.23 -0.13 -1.46
C CYS A 246 -23.71 -0.40 -1.22
N GLU A 247 -24.23 -1.48 -1.81
CA GLU A 247 -25.65 -1.80 -1.65
C GLU A 247 -26.00 -2.52 -0.35
N GLN A 248 -25.29 -3.60 -0.03
CA GLN A 248 -25.57 -4.32 1.21
C GLN A 248 -24.88 -3.65 2.38
N LYS A 249 -23.94 -2.76 2.06
CA LYS A 249 -23.18 -1.98 3.03
C LYS A 249 -22.46 -2.78 4.11
N LEU A 250 -21.81 -3.87 3.69
CA LEU A 250 -21.07 -4.71 4.61
C LEU A 250 -19.60 -4.35 4.63
N ARG A 251 -18.93 -4.74 5.72
CA ARG A 251 -17.51 -4.51 5.89
C ARG A 251 -16.92 -5.78 6.49
N PRO A 252 -15.59 -5.93 6.50
CA PRO A 252 -15.04 -7.15 7.09
C PRO A 252 -15.55 -7.33 8.51
N ASN A 253 -15.83 -8.58 8.87
CA ASN A 253 -16.35 -8.91 10.19
C ASN A 253 -15.31 -8.71 11.29
N ILE A 254 -15.74 -8.12 12.41
CA ILE A 254 -14.86 -7.90 13.54
C ILE A 254 -15.06 -9.01 14.56
N PRO A 255 -14.03 -9.85 14.77
CA PRO A 255 -14.14 -10.95 15.74
C PRO A 255 -14.51 -10.47 17.14
N ASN A 256 -15.17 -11.33 17.91
CA ASN A 256 -15.57 -10.98 19.26
C ASN A 256 -14.36 -10.96 20.19
N ARG A 257 -13.42 -11.87 19.95
CA ARG A 257 -12.22 -11.97 20.77
C ARG A 257 -11.09 -12.69 20.06
N SER A 260 -12.00 -8.87 25.03
CA SER A 260 -11.01 -8.63 23.98
C SER A 260 -9.82 -7.84 24.54
N CYS A 261 -8.74 -7.79 23.78
CA CYS A 261 -7.53 -7.08 24.18
C CYS A 261 -7.65 -5.59 23.91
N GLU A 262 -7.05 -4.77 24.77
CA GLU A 262 -7.10 -3.33 24.61
C GLU A 262 -6.51 -2.91 23.26
N ALA A 263 -5.38 -3.51 22.90
CA ALA A 263 -4.72 -3.20 21.64
C ALA A 263 -5.63 -3.53 20.46
N LEU A 264 -6.27 -4.71 20.53
CA LEU A 264 -7.17 -5.12 19.46
C LEU A 264 -8.41 -4.23 19.42
N ARG A 265 -8.82 -3.73 20.58
CA ARG A 265 -10.00 -2.88 20.64
C ARG A 265 -9.68 -1.56 19.94
N VAL A 266 -8.46 -1.07 20.14
CA VAL A 266 -8.05 0.17 19.51
C VAL A 266 -8.00 -0.02 18.00
N MET A 267 -7.44 -1.15 17.56
CA MET A 267 -7.34 -1.46 16.13
C MET A 267 -8.72 -1.50 15.49
N ALA A 268 -9.64 -2.22 16.12
CA ALA A 268 -11.00 -2.37 15.60
C ALA A 268 -11.67 -1.02 15.41
N LYS A 269 -11.53 -0.14 16.39
CA LYS A 269 -12.12 1.19 16.33
C LYS A 269 -11.55 1.94 15.13
N ILE A 270 -10.24 1.84 14.94
CA ILE A 270 -9.59 2.50 13.82
C ILE A 270 -10.21 1.99 12.52
N MET A 271 -10.32 0.68 12.41
CA MET A 271 -10.91 0.05 11.23
C MET A 271 -12.27 0.65 10.91
N ARG A 272 -13.17 0.62 11.89
CA ARG A 272 -14.51 1.15 11.69
C ARG A 272 -14.45 2.59 11.19
N GLU A 273 -13.60 3.39 11.80
CA GLU A 273 -13.47 4.79 11.40
C GLU A 273 -12.76 4.99 10.06
N CYS A 274 -12.33 3.89 9.43
CA CYS A 274 -11.68 3.95 8.12
C CYS A 274 -12.67 3.47 7.07
N TRP A 275 -13.72 2.79 7.54
CA TRP A 275 -14.71 2.22 6.63
C TRP A 275 -16.02 2.96 6.36
N TYR A 276 -16.13 4.21 6.77
CA TYR A 276 -17.35 4.97 6.49
C TYR A 276 -17.52 5.08 4.98
N ALA A 277 -18.77 5.06 4.52
CA ALA A 277 -19.04 5.16 3.08
C ALA A 277 -18.58 6.49 2.54
N ASN A 278 -18.63 7.51 3.41
CA ASN A 278 -18.21 8.85 3.04
C ASN A 278 -16.76 9.08 3.44
N GLY A 279 -15.91 9.33 2.45
CA GLY A 279 -14.50 9.55 2.71
C GLY A 279 -14.19 10.65 3.70
N ALA A 280 -14.98 11.71 3.68
CA ALA A 280 -14.76 12.85 4.57
C ALA A 280 -14.95 12.52 6.04
N ALA A 281 -15.59 11.40 6.33
CA ALA A 281 -15.84 10.98 7.71
C ALA A 281 -14.70 10.16 8.29
N ARG A 282 -13.87 9.59 7.41
CA ARG A 282 -12.75 8.75 7.84
C ARG A 282 -11.63 9.48 8.56
N LEU A 283 -10.82 8.73 9.28
CA LEU A 283 -9.68 9.28 10.01
C LEU A 283 -8.57 9.59 9.01
N THR A 284 -7.65 10.46 9.41
CA THR A 284 -6.53 10.79 8.54
C THR A 284 -5.39 9.84 8.92
N ALA A 285 -4.41 9.69 8.03
CA ALA A 285 -3.28 8.82 8.32
C ALA A 285 -2.51 9.32 9.53
N LEU A 286 -2.39 10.64 9.64
CA LEU A 286 -1.67 11.25 10.75
C LEU A 286 -2.35 10.92 12.09
N ARG A 287 -3.67 11.04 12.13
CA ARG A 287 -4.40 10.75 13.36
C ARG A 287 -4.21 9.28 13.74
N ILE A 288 -4.23 8.41 12.74
CA ILE A 288 -4.05 6.98 12.99
C ILE A 288 -2.65 6.73 13.54
N LYS A 289 -1.66 7.39 12.96
CA LYS A 289 -0.28 7.23 13.41
C LYS A 289 -0.15 7.65 14.87
N LYS A 290 -0.74 8.80 15.20
CA LYS A 290 -0.68 9.30 16.57
C LYS A 290 -1.27 8.29 17.54
N THR A 291 -2.49 7.83 17.25
CA THR A 291 -3.17 6.86 18.11
C THR A 291 -2.37 5.59 18.27
N LEU A 292 -1.81 5.09 17.17
CA LEU A 292 -1.01 3.88 17.21
C LEU A 292 0.28 4.11 17.98
N SER A 293 0.80 5.32 17.90
CA SER A 293 2.03 5.67 18.62
C SER A 293 1.78 5.65 20.11
N GLN A 294 0.64 6.21 20.52
CA GLN A 294 0.27 6.25 21.93
C GLN A 294 0.12 4.83 22.47
N LEU A 295 -0.55 3.98 21.71
CA LEU A 295 -0.77 2.59 22.12
C LEU A 295 0.56 1.86 22.25
N SER A 296 1.49 2.13 21.34
CA SER A 296 2.80 1.50 21.36
C SER A 296 3.56 1.85 22.64
N GLN A 297 3.35 3.07 23.13
CA GLN A 297 4.02 3.53 24.34
C GLN A 297 3.44 2.86 25.58
N GLN A 298 2.13 2.62 25.55
CA GLN A 298 1.45 1.99 26.67
C GLN A 298 1.76 0.49 26.73
C1 QIG B . 10.11 0.11 -7.80
C2 QIG B . 10.30 -1.37 -7.56
C3 QIG B . 11.58 -1.96 -7.67
C4 QIG B . 11.69 -3.34 -7.42
C5 QIG B . 10.57 -4.11 -7.08
C6 QIG B . 9.31 -3.48 -6.99
N7 QIG B . 9.17 -2.11 -7.23
C8 QIG B . 8.09 -4.23 -6.63
N9 QIG B . 8.23 -5.34 -5.87
C10 QIG B . 7.13 -6.07 -5.52
N11 QIG B . 7.39 -7.22 -4.73
C12 QIG B . 8.46 -7.63 -3.91
C13 QIG B . 8.52 -9.00 -3.48
C14 QIG B . 9.56 -9.49 -2.64
C15 QIG B . 10.57 -8.55 -2.26
N16 QIG B . 11.69 -8.69 -1.48
N18 QIG B . 12.42 -7.55 -1.34
C19 QIG B . 11.72 -6.65 -2.07
C20 QIG B . 10.56 -7.20 -2.66
C21 QIG B . 9.50 -6.73 -3.50
C22 QIG B . 5.82 -5.69 -5.93
C23 QIG B . 4.59 -6.38 -5.62
C24 QIG B . 3.35 -5.90 -6.09
C25 QIG B . 3.31 -4.73 -6.88
C26 QIG B . 4.53 -4.03 -7.20
C27 QIG B . 5.77 -4.50 -6.73
N28 QIG B . 6.89 -3.78 -7.08
#